data_5LUS
#
_entry.id   5LUS
#
_cell.length_a   62.188
_cell.length_b   72.408
_cell.length_c   79.234
_cell.angle_alpha   90.00
_cell.angle_beta   99.44
_cell.angle_gamma   90.00
#
_symmetry.space_group_name_H-M   'P 1 21 1'
#
loop_
_entity.id
_entity.type
_entity.pdbx_description
1 polymer 'BLM helicase'
2 water water
#
_entity_poly.entity_id   1
_entity_poly.type   'polypeptide(L)'
_entity_poly.pdbx_seq_one_letter_code
;MQPVAESNPMAEDADKGLHMEQQLYAVMDDICKLVDAIPLHELEMLSCAKELLLQRGLRRKLLANAVD
;
_entity_poly.pdbx_strand_id   A,B,C,D,E,F,G,H,I,J
#
# COMPACT_ATOMS: atom_id res chain seq x y z
N HIS A 19 -12.16 -34.92 -16.72
CA HIS A 19 -13.30 -34.27 -17.35
C HIS A 19 -12.84 -32.89 -17.80
N MET A 20 -13.50 -32.31 -18.80
CA MET A 20 -13.03 -31.03 -19.33
C MET A 20 -13.38 -29.81 -18.48
N GLU A 21 -14.17 -29.95 -17.42
CA GLU A 21 -14.12 -28.96 -16.33
C GLU A 21 -12.73 -28.81 -15.72
N GLN A 22 -12.00 -29.92 -15.62
CA GLN A 22 -10.67 -29.85 -15.07
C GLN A 22 -9.78 -29.10 -16.05
N GLN A 23 -9.99 -29.36 -17.34
CA GLN A 23 -9.23 -28.70 -18.39
C GLN A 23 -9.52 -27.21 -18.38
N LEU A 24 -10.79 -26.84 -18.22
CA LEU A 24 -11.15 -25.43 -18.17
C LEU A 24 -10.54 -24.74 -16.94
N TYR A 25 -10.60 -25.39 -15.78
CA TYR A 25 -10.01 -24.83 -14.57
C TYR A 25 -8.51 -24.60 -14.77
N ALA A 26 -7.83 -25.56 -15.40
CA ALA A 26 -6.41 -25.44 -15.65
C ALA A 26 -6.05 -24.28 -16.56
N VAL A 27 -6.84 -24.05 -17.60
CA VAL A 27 -6.56 -22.93 -18.49
C VAL A 27 -6.84 -21.60 -17.77
N MET A 28 -7.94 -21.54 -17.02
CA MET A 28 -8.25 -20.36 -16.20
C MET A 28 -7.08 -20.08 -15.24
N ASP A 29 -6.58 -21.13 -14.60
CA ASP A 29 -5.46 -20.97 -13.66
C ASP A 29 -4.20 -20.50 -14.38
N ASP A 30 -3.96 -21.03 -15.58
CA ASP A 30 -2.83 -20.58 -16.38
C ASP A 30 -2.93 -19.11 -16.75
N ILE A 31 -4.13 -18.65 -17.13
CA ILE A 31 -4.32 -17.23 -17.41
C ILE A 31 -4.02 -16.42 -16.14
N CYS A 32 -4.50 -16.88 -14.99
CA CYS A 32 -4.25 -16.18 -13.72
C CYS A 32 -2.76 -16.18 -13.38
N LYS A 33 -2.03 -17.26 -13.67
CA LYS A 33 -0.60 -17.29 -13.42
C LYS A 33 0.14 -16.27 -14.28
N LEU A 34 -0.26 -16.15 -15.54
CA LEU A 34 0.37 -15.16 -16.41
C LEU A 34 0.12 -13.77 -15.83
N VAL A 35 -1.13 -13.50 -15.45
CA VAL A 35 -1.48 -12.18 -14.90
C VAL A 35 -0.68 -11.87 -13.62
N ASP A 36 -0.49 -12.90 -12.78
CA ASP A 36 0.24 -12.77 -11.51
C ASP A 36 1.67 -12.33 -11.70
N ALA A 37 2.26 -12.66 -12.84
CA ALA A 37 3.66 -12.35 -13.14
C ALA A 37 3.86 -11.10 -13.99
N ILE A 38 2.79 -10.43 -14.42
CA ILE A 38 2.99 -9.20 -15.18
C ILE A 38 3.64 -8.14 -14.30
N PRO A 39 4.81 -7.62 -14.72
CA PRO A 39 5.46 -6.58 -13.93
C PRO A 39 4.60 -5.34 -13.84
N LEU A 40 4.68 -4.64 -12.72
CA LEU A 40 3.84 -3.50 -12.49
C LEU A 40 3.96 -2.44 -13.59
N HIS A 41 5.16 -2.20 -14.12
CA HIS A 41 5.30 -1.17 -15.15
C HIS A 41 4.59 -1.57 -16.45
N GLU A 42 4.46 -2.85 -16.75
CA GLU A 42 3.68 -3.31 -17.90
C GLU A 42 2.19 -3.28 -17.59
N LEU A 43 1.82 -3.72 -16.39
CA LEU A 43 0.42 -3.81 -16.03
C LEU A 43 -0.25 -2.43 -16.12
N GLU A 44 0.49 -1.39 -15.71
CA GLU A 44 -0.03 -0.04 -15.68
C GLU A 44 -0.27 0.52 -17.08
N MET A 45 0.19 -0.18 -18.11
CA MET A 45 -0.12 0.17 -19.53
C MET A 45 -1.51 -0.28 -19.94
N LEU A 46 -2.09 -1.19 -19.18
CA LEU A 46 -3.39 -1.75 -19.52
C LEU A 46 -4.52 -0.86 -19.02
N SER A 47 -5.55 -0.71 -19.86
CA SER A 47 -6.72 0.07 -19.45
C SER A 47 -7.39 -0.52 -18.22
N CYS A 48 -7.29 -1.83 -18.04
CA CYS A 48 -7.92 -2.49 -16.92
C CYS A 48 -7.01 -2.68 -15.70
N ALA A 49 -5.90 -1.94 -15.67
CA ALA A 49 -4.90 -2.10 -14.61
C ALA A 49 -5.47 -2.12 -13.18
N LYS A 50 -6.32 -1.14 -12.82
CA LYS A 50 -6.78 -1.07 -11.44
C LYS A 50 -7.56 -2.32 -11.04
N GLU A 51 -8.49 -2.79 -11.88
CA GLU A 51 -9.24 -3.99 -11.52
C GLU A 51 -8.39 -5.23 -11.63
N LEU A 52 -7.44 -5.28 -12.56
CA LEU A 52 -6.60 -6.45 -12.68
C LEU A 52 -5.74 -6.60 -11.40
N LEU A 53 -5.24 -5.48 -10.87
CA LEU A 53 -4.47 -5.52 -9.63
C LEU A 53 -5.35 -6.02 -8.48
N LEU A 54 -6.56 -5.48 -8.36
CA LEU A 54 -7.46 -5.89 -7.29
C LEU A 54 -7.76 -7.38 -7.37
N GLN A 55 -8.11 -7.86 -8.57
CA GLN A 55 -8.54 -9.24 -8.68
C GLN A 55 -7.37 -10.21 -8.49
N ARG A 56 -6.19 -9.90 -8.99
CA ARG A 56 -5.09 -10.85 -8.80
C ARG A 56 -4.73 -10.91 -7.30
N GLY A 57 -4.85 -9.80 -6.57
CA GLY A 57 -4.66 -9.85 -5.12
C GLY A 57 -5.71 -10.70 -4.43
N LEU A 58 -6.95 -10.54 -4.85
CA LEU A 58 -8.04 -11.32 -4.27
C LEU A 58 -7.83 -12.82 -4.49
N ARG A 59 -7.40 -13.21 -5.68
CA ARG A 59 -7.14 -14.63 -5.95
C ARG A 59 -6.09 -15.17 -4.95
N ARG A 60 -5.02 -14.43 -4.72
CA ARG A 60 -3.99 -14.90 -3.77
C ARG A 60 -4.61 -15.13 -2.40
N LYS A 61 -5.46 -14.21 -1.96
CA LYS A 61 -6.09 -14.33 -0.66
C LYS A 61 -7.00 -15.57 -0.60
N LEU A 62 -7.77 -15.81 -1.65
CA LEU A 62 -8.65 -16.97 -1.64
C LEU A 62 -7.90 -18.30 -1.69
N LEU A 63 -6.83 -18.35 -2.48
CA LEU A 63 -6.01 -19.56 -2.50
C LEU A 63 -5.42 -19.86 -1.11
N ALA A 64 -4.96 -18.82 -0.43
CA ALA A 64 -4.40 -19.00 0.90
C ALA A 64 -5.47 -19.42 1.90
N ASN A 65 -6.65 -18.82 1.81
CA ASN A 65 -7.73 -19.13 2.74
C ASN A 65 -8.18 -20.59 2.65
N ALA A 66 -8.00 -21.19 1.48
CA ALA A 66 -8.39 -22.58 1.24
C ALA A 66 -7.35 -23.57 1.75
N VAL A 67 -6.18 -23.10 2.17
CA VAL A 67 -5.20 -24.02 2.73
C VAL A 67 -5.71 -24.55 4.08
N ASP A 68 -5.72 -25.86 4.21
CA ASP A 68 -6.22 -26.53 5.44
C ASP A 68 -5.12 -27.27 6.19
N HIS B 19 -18.41 -23.81 -1.34
CA HIS B 19 -18.68 -22.40 -1.11
C HIS B 19 -17.46 -21.58 -1.44
N MET B 20 -16.32 -22.00 -0.91
CA MET B 20 -15.10 -21.25 -1.08
C MET B 20 -14.57 -21.50 -2.48
N GLU B 21 -14.64 -22.75 -2.92
CA GLU B 21 -14.30 -23.09 -4.28
C GLU B 21 -15.06 -22.23 -5.29
N GLN B 22 -16.34 -21.96 -5.01
CA GLN B 22 -17.15 -21.15 -5.92
C GLN B 22 -16.69 -19.70 -5.98
N GLN B 23 -16.30 -19.17 -4.82
CA GLN B 23 -15.78 -17.81 -4.72
C GLN B 23 -14.48 -17.67 -5.52
N LEU B 24 -13.60 -18.67 -5.40
CA LEU B 24 -12.36 -18.66 -6.14
C LEU B 24 -12.62 -18.77 -7.65
N TYR B 25 -13.54 -19.63 -8.04
CA TYR B 25 -13.85 -19.77 -9.46
C TYR B 25 -14.34 -18.43 -10.01
N ALA B 26 -15.18 -17.73 -9.23
CA ALA B 26 -15.71 -16.45 -9.66
C ALA B 26 -14.62 -15.40 -9.86
N VAL B 27 -13.63 -15.36 -8.98
CA VAL B 27 -12.54 -14.38 -9.11
C VAL B 27 -11.68 -14.76 -10.31
N MET B 28 -11.41 -16.04 -10.49
CA MET B 28 -10.67 -16.51 -11.65
C MET B 28 -11.37 -16.12 -12.95
N ASP B 29 -12.69 -16.31 -12.97
CA ASP B 29 -13.44 -15.98 -14.17
C ASP B 29 -13.40 -14.48 -14.39
N ASP B 30 -13.48 -13.70 -13.33
CA ASP B 30 -13.37 -12.23 -13.46
C ASP B 30 -12.03 -11.80 -14.07
N ILE B 31 -10.92 -12.41 -13.63
CA ILE B 31 -9.63 -12.11 -14.24
C ILE B 31 -9.68 -12.47 -15.71
N CYS B 32 -10.28 -13.62 -16.05
CA CYS B 32 -10.41 -14.01 -17.46
C CYS B 32 -11.29 -13.05 -18.28
N LYS B 33 -12.35 -12.50 -17.68
CA LYS B 33 -13.17 -11.50 -18.36
C LYS B 33 -12.35 -10.25 -18.67
N LEU B 34 -11.54 -9.79 -17.72
CA LEU B 34 -10.68 -8.64 -17.96
C LEU B 34 -9.72 -8.94 -19.10
N VAL B 35 -9.10 -10.12 -19.07
CA VAL B 35 -8.14 -10.47 -20.12
C VAL B 35 -8.82 -10.51 -21.50
N ASP B 36 -10.03 -11.03 -21.56
CA ASP B 36 -10.78 -11.09 -22.82
C ASP B 36 -10.96 -9.71 -23.44
N ALA B 37 -11.08 -8.67 -22.60
CA ALA B 37 -11.34 -7.33 -23.08
C ALA B 37 -10.09 -6.49 -23.30
N ILE B 38 -8.92 -7.06 -23.07
CA ILE B 38 -7.69 -6.32 -23.38
C ILE B 38 -7.55 -6.21 -24.91
N PRO B 39 -7.49 -4.99 -25.45
CA PRO B 39 -7.28 -4.81 -26.90
C PRO B 39 -5.93 -5.34 -27.34
N LEU B 40 -5.85 -5.84 -28.57
CA LEU B 40 -4.60 -6.41 -29.06
C LEU B 40 -3.44 -5.44 -28.93
N HIS B 41 -3.65 -4.15 -29.19
CA HIS B 41 -2.52 -3.22 -29.16
C HIS B 41 -1.98 -3.03 -27.74
N GLU B 42 -2.83 -3.23 -26.73
CA GLU B 42 -2.35 -3.21 -25.35
C GLU B 42 -1.71 -4.54 -25.00
N LEU B 43 -2.35 -5.65 -25.38
CA LEU B 43 -1.86 -6.97 -25.04
C LEU B 43 -0.43 -7.15 -25.59
N GLU B 44 -0.19 -6.62 -26.78
CA GLU B 44 1.12 -6.79 -27.43
C GLU B 44 2.28 -6.06 -26.71
N MET B 45 1.95 -5.16 -25.76
CA MET B 45 2.98 -4.48 -24.98
C MET B 45 3.47 -5.34 -23.83
N LEU B 46 2.75 -6.43 -23.56
CA LEU B 46 3.10 -7.32 -22.46
C LEU B 46 4.14 -8.36 -22.85
N SER B 47 5.06 -8.62 -21.93
CA SER B 47 6.09 -9.64 -22.16
C SER B 47 5.46 -11.02 -22.37
N CYS B 48 4.29 -11.26 -21.77
CA CYS B 48 3.62 -12.54 -21.90
C CYS B 48 2.57 -12.57 -23.01
N ALA B 49 2.62 -11.60 -23.92
CA ALA B 49 1.57 -11.46 -24.95
C ALA B 49 1.23 -12.75 -25.68
N LYS B 50 2.22 -13.45 -26.20
CA LYS B 50 1.95 -14.62 -27.02
C LYS B 50 1.20 -15.68 -26.23
N GLU B 51 1.64 -15.94 -25.01
CA GLU B 51 1.01 -16.98 -24.24
C GLU B 51 -0.36 -16.56 -23.73
N LEU B 52 -0.51 -15.29 -23.38
CA LEU B 52 -1.79 -14.79 -22.91
C LEU B 52 -2.83 -14.88 -24.03
N LEU B 53 -2.42 -14.55 -25.26
CA LEU B 53 -3.31 -14.66 -26.42
C LEU B 53 -3.71 -16.12 -26.63
N LEU B 54 -2.73 -17.02 -26.54
CA LEU B 54 -3.01 -18.44 -26.72
C LEU B 54 -4.00 -18.95 -25.66
N GLN B 55 -3.74 -18.62 -24.40
CA GLN B 55 -4.57 -19.16 -23.33
C GLN B 55 -5.98 -18.55 -23.37
N ARG B 56 -6.11 -17.27 -23.67
CA ARG B 56 -7.48 -16.73 -23.66
C ARG B 56 -8.27 -17.35 -24.82
N GLY B 57 -7.61 -17.67 -25.93
CA GLY B 57 -8.25 -18.40 -27.02
C GLY B 57 -8.68 -19.80 -26.62
N LEU B 58 -7.84 -20.50 -25.88
CA LEU B 58 -8.15 -21.85 -25.43
C LEU B 58 -9.36 -21.83 -24.48
N ARG B 59 -9.39 -20.91 -23.52
CA ARG B 59 -10.55 -20.81 -22.64
C ARG B 59 -11.85 -20.57 -23.43
N ARG B 60 -11.79 -19.68 -24.43
CA ARG B 60 -12.97 -19.34 -25.22
C ARG B 60 -13.53 -20.62 -25.88
N LYS B 61 -12.65 -21.44 -26.43
CA LYS B 61 -13.06 -22.67 -27.06
C LYS B 61 -13.60 -23.68 -26.05
N LEU B 62 -12.94 -23.82 -24.90
CA LEU B 62 -13.41 -24.78 -23.91
C LEU B 62 -14.76 -24.40 -23.32
N LEU B 63 -14.99 -23.11 -23.06
CA LEU B 63 -16.29 -22.68 -22.56
C LEU B 63 -17.39 -23.07 -23.52
N ALA B 64 -17.17 -22.87 -24.81
CA ALA B 64 -18.19 -23.23 -25.79
C ALA B 64 -18.38 -24.77 -25.91
N ASN B 65 -17.27 -25.50 -25.85
CA ASN B 65 -17.31 -26.94 -25.97
C ASN B 65 -18.04 -27.61 -24.79
N ALA B 66 -18.04 -26.95 -23.64
CA ALA B 66 -18.72 -27.48 -22.46
C ALA B 66 -20.24 -27.25 -22.49
N VAL B 67 -20.72 -26.46 -23.42
CA VAL B 67 -22.15 -26.26 -23.57
C VAL B 67 -22.80 -27.52 -24.19
N ASP B 68 -23.94 -27.97 -23.66
CA ASP B 68 -24.63 -29.14 -24.24
C ASP B 68 -25.23 -28.88 -25.66
N HIS C 19 4.79 -41.51 -2.98
CA HIS C 19 3.58 -40.88 -2.46
C HIS C 19 3.97 -39.79 -1.46
N MET C 20 5.10 -40.01 -0.80
CA MET C 20 5.59 -39.10 0.22
C MET C 20 6.08 -37.83 -0.43
N GLU C 21 6.82 -37.97 -1.52
CA GLU C 21 7.26 -36.81 -2.28
C GLU C 21 6.08 -35.96 -2.77
N GLN C 22 4.99 -36.60 -3.18
CA GLN C 22 3.83 -35.86 -3.66
C GLN C 22 3.19 -35.08 -2.51
N GLN C 23 3.13 -35.73 -1.36
CA GLN C 23 2.60 -35.11 -0.16
C GLN C 23 3.46 -33.90 0.21
N LEU C 24 4.78 -34.08 0.13
CA LEU C 24 5.69 -32.98 0.44
C LEU C 24 5.53 -31.79 -0.52
N TYR C 25 5.44 -32.06 -1.82
CA TYR C 25 5.30 -30.98 -2.79
C TYR C 25 4.03 -30.19 -2.51
N ALA C 26 2.96 -30.89 -2.16
CA ALA C 26 1.68 -30.24 -1.89
C ALA C 26 1.78 -29.31 -0.69
N VAL C 27 2.47 -29.76 0.36
CA VAL C 27 2.63 -28.93 1.53
C VAL C 27 3.54 -27.74 1.23
N MET C 28 4.63 -27.97 0.49
CA MET C 28 5.49 -26.85 0.10
C MET C 28 4.68 -25.81 -0.67
N ASP C 29 3.85 -26.26 -1.60
CA ASP C 29 3.03 -25.32 -2.37
C ASP C 29 2.04 -24.57 -1.46
N ASP C 30 1.44 -25.27 -0.51
CA ASP C 30 0.55 -24.60 0.45
C ASP C 30 1.29 -23.58 1.30
N ILE C 31 2.51 -23.86 1.77
CA ILE C 31 3.28 -22.86 2.49
C ILE C 31 3.49 -21.63 1.57
N CYS C 32 3.85 -21.88 0.33
CA CYS C 32 4.04 -20.77 -0.61
C CYS C 32 2.75 -19.97 -0.86
N LYS C 33 1.59 -20.65 -0.91
CA LYS C 33 0.32 -19.95 -1.07
C LYS C 33 0.07 -19.04 0.14
N LEU C 34 0.33 -19.54 1.34
CA LEU C 34 0.14 -18.71 2.54
C LEU C 34 1.05 -17.48 2.45
N VAL C 35 2.32 -17.68 2.11
CA VAL C 35 3.26 -16.57 2.03
C VAL C 35 2.84 -15.56 0.95
N ASP C 36 2.31 -16.06 -0.17
CA ASP C 36 1.90 -15.23 -1.30
C ASP C 36 0.85 -14.21 -0.88
N ALA C 37 0.04 -14.59 0.11
CA ALA C 37 -1.08 -13.76 0.55
C ALA C 37 -0.83 -12.94 1.80
N ILE C 38 0.35 -13.03 2.41
CA ILE C 38 0.61 -12.19 3.56
C ILE C 38 0.63 -10.72 3.14
N PRO C 39 -0.23 -9.87 3.74
CA PRO C 39 -0.24 -8.47 3.37
C PRO C 39 1.09 -7.81 3.68
N LEU C 40 1.46 -6.82 2.89
CA LEU C 40 2.73 -6.15 3.09
C LEU C 40 2.86 -5.60 4.50
N HIS C 41 1.78 -5.10 5.07
CA HIS C 41 1.89 -4.50 6.41
C HIS C 41 2.20 -5.56 7.48
N GLU C 42 1.83 -6.82 7.23
CA GLU C 42 2.21 -7.91 8.14
C GLU C 42 3.59 -8.43 7.82
N LEU C 43 3.87 -8.57 6.53
CA LEU C 43 5.13 -9.13 6.08
C LEU C 43 6.31 -8.32 6.63
N GLU C 44 6.14 -7.01 6.67
CA GLU C 44 7.18 -6.09 7.12
C GLU C 44 7.46 -6.20 8.61
N MET C 45 6.63 -6.92 9.36
CA MET C 45 6.92 -7.20 10.77
C MET C 45 7.94 -8.36 10.89
N LEU C 46 8.18 -9.08 9.81
CA LEU C 46 9.08 -10.24 9.84
C LEU C 46 10.52 -9.83 9.59
N SER C 47 11.44 -10.42 10.33
CA SER C 47 12.86 -10.14 10.12
C SER C 47 13.33 -10.50 8.71
N CYS C 48 12.71 -11.53 8.12
CA CYS C 48 13.10 -11.98 6.78
C CYS C 48 12.30 -11.37 5.63
N ALA C 49 11.60 -10.27 5.91
CA ALA C 49 10.70 -9.67 4.94
C ALA C 49 11.34 -9.45 3.58
N LYS C 50 12.53 -8.87 3.53
CA LYS C 50 13.10 -8.53 2.24
C LYS C 50 13.31 -9.78 1.37
N GLU C 51 13.85 -10.85 1.96
CA GLU C 51 14.07 -12.04 1.16
C GLU C 51 12.78 -12.76 0.82
N LEU C 52 11.82 -12.73 1.73
CA LEU C 52 10.54 -13.37 1.48
C LEU C 52 9.82 -12.67 0.31
N LEU C 53 9.90 -11.34 0.25
CA LEU C 53 9.29 -10.58 -0.82
C LEU C 53 9.96 -10.98 -2.12
N LEU C 54 11.30 -11.06 -2.12
CA LEU C 54 12.03 -11.42 -3.33
C LEU C 54 11.65 -12.82 -3.81
N GLN C 55 11.63 -13.78 -2.90
CA GLN C 55 11.38 -15.15 -3.31
C GLN C 55 9.94 -15.35 -3.77
N ARG C 56 8.98 -14.70 -3.12
CA ARG C 56 7.59 -14.95 -3.52
C ARG C 56 7.39 -14.36 -4.92
N GLY C 57 8.09 -13.28 -5.23
CA GLY C 57 8.05 -12.72 -6.58
C GLY C 57 8.66 -13.66 -7.62
N LEU C 58 9.78 -14.28 -7.29
CA LEU C 58 10.45 -15.23 -8.19
C LEU C 58 9.53 -16.42 -8.47
N ARG C 59 8.85 -16.93 -7.44
CA ARG C 59 7.93 -18.05 -7.65
C ARG C 59 6.83 -17.68 -8.66
N ARG C 60 6.25 -16.48 -8.55
CA ARG C 60 5.21 -16.06 -9.50
C ARG C 60 5.77 -16.07 -10.92
N LYS C 61 6.99 -15.58 -11.11
CA LYS C 61 7.58 -15.56 -12.44
C LYS C 61 7.79 -16.96 -12.97
N LEU C 62 8.30 -17.86 -12.14
CA LEU C 62 8.55 -19.22 -12.61
C LEU C 62 7.26 -19.96 -12.94
N LEU C 63 6.21 -19.77 -12.14
CA LEU C 63 4.92 -20.38 -12.45
C LEU C 63 4.40 -19.90 -13.81
N ALA C 64 4.54 -18.62 -14.09
CA ALA C 64 4.08 -18.09 -15.35
C ALA C 64 4.92 -18.60 -16.52
N ASN C 65 6.23 -18.71 -16.32
CA ASN C 65 7.11 -19.16 -17.39
C ASN C 65 6.82 -20.58 -17.82
N ALA C 66 6.27 -21.36 -16.91
CA ALA C 66 5.94 -22.74 -17.23
C ALA C 66 4.63 -22.89 -18.02
N VAL C 67 3.86 -21.82 -18.12
CA VAL C 67 2.64 -21.91 -18.88
C VAL C 67 2.93 -22.04 -20.36
N ASP C 68 2.32 -23.06 -20.98
CA ASP C 68 2.48 -23.35 -22.40
C ASP C 68 1.17 -23.91 -22.97
N MET D 20 11.43 -29.58 -16.94
CA MET D 20 12.27 -29.09 -15.86
C MET D 20 11.46 -28.22 -14.91
N GLU D 21 11.44 -28.63 -13.65
CA GLU D 21 10.66 -27.95 -12.63
C GLU D 21 11.58 -27.79 -11.41
N GLN D 22 12.88 -28.01 -11.66
CA GLN D 22 13.90 -27.95 -10.63
C GLN D 22 14.09 -26.55 -10.08
N GLN D 23 14.06 -25.54 -10.96
CA GLN D 23 14.19 -24.15 -10.51
C GLN D 23 13.01 -23.77 -9.61
N LEU D 24 11.81 -24.19 -9.99
CA LEU D 24 10.65 -23.86 -9.15
C LEU D 24 10.74 -24.55 -7.79
N TYR D 25 11.12 -25.82 -7.78
CA TYR D 25 11.24 -26.55 -6.52
C TYR D 25 12.25 -25.86 -5.60
N ALA D 26 13.36 -25.38 -6.17
CA ALA D 26 14.39 -24.71 -5.37
C ALA D 26 13.86 -23.42 -4.73
N VAL D 27 13.10 -22.64 -5.49
CA VAL D 27 12.55 -21.41 -4.92
C VAL D 27 11.51 -21.76 -3.84
N MET D 28 10.70 -22.77 -4.11
CA MET D 28 9.72 -23.19 -3.11
C MET D 28 10.43 -23.61 -1.81
N ASP D 29 11.50 -24.38 -1.97
CA ASP D 29 12.24 -24.84 -0.79
C ASP D 29 12.90 -23.65 -0.07
N ASP D 30 13.40 -22.67 -0.82
CA ASP D 30 13.96 -21.46 -0.20
C ASP D 30 12.91 -20.72 0.62
N ILE D 31 11.68 -20.59 0.09
CA ILE D 31 10.61 -19.98 0.87
C ILE D 31 10.35 -20.79 2.15
N CYS D 32 10.32 -22.11 2.03
CA CYS D 32 10.09 -22.97 3.21
C CYS D 32 11.23 -22.83 4.26
N LYS D 33 12.46 -22.68 3.80
CA LYS D 33 13.60 -22.49 4.70
C LYS D 33 13.45 -21.16 5.44
N LEU D 34 13.02 -20.10 4.74
CA LEU D 34 12.78 -18.83 5.40
C LEU D 34 11.70 -18.98 6.46
N VAL D 35 10.60 -19.64 6.08
CA VAL D 35 9.51 -19.84 7.01
C VAL D 35 9.96 -20.63 8.25
N ASP D 36 10.80 -21.64 8.07
CA ASP D 36 11.27 -22.43 9.21
C ASP D 36 12.00 -21.55 10.24
N ALA D 37 12.67 -20.50 9.76
CA ALA D 37 13.49 -19.68 10.64
C ALA D 37 12.74 -18.48 11.19
N ILE D 38 11.47 -18.31 10.85
CA ILE D 38 10.71 -17.22 11.47
C ILE D 38 10.52 -17.55 12.97
N PRO D 39 10.98 -16.67 13.88
CA PRO D 39 10.75 -16.95 15.30
C PRO D 39 9.27 -16.97 15.65
N LEU D 40 8.87 -17.78 16.63
CA LEU D 40 7.46 -17.90 16.96
C LEU D 40 6.80 -16.56 17.31
N HIS D 41 7.49 -15.66 18.00
CA HIS D 41 6.88 -14.40 18.41
C HIS D 41 6.58 -13.52 17.19
N GLU D 42 7.35 -13.64 16.11
CA GLU D 42 7.02 -12.92 14.87
C GLU D 42 5.89 -13.62 14.11
N LEU D 43 5.98 -14.94 14.01
CA LEU D 43 4.99 -15.70 13.27
C LEU D 43 3.59 -15.49 13.85
N GLU D 44 3.51 -15.43 15.17
CA GLU D 44 2.23 -15.31 15.84
C GLU D 44 1.56 -13.97 15.58
N MET D 45 2.27 -13.00 15.00
CA MET D 45 1.65 -11.72 14.65
C MET D 45 0.94 -11.77 13.31
N LEU D 46 1.18 -12.83 12.53
CA LEU D 46 0.59 -12.95 11.21
C LEU D 46 -0.84 -13.45 11.29
N SER D 47 -1.71 -12.93 10.42
CA SER D 47 -3.09 -13.39 10.38
C SER D 47 -3.18 -14.88 10.05
N CYS D 48 -2.20 -15.38 9.30
CA CYS D 48 -2.20 -16.79 8.89
C CYS D 48 -1.39 -17.67 9.84
N ALA D 49 -1.09 -17.17 11.05
CA ALA D 49 -0.20 -17.87 11.97
C ALA D 49 -0.56 -19.34 12.21
N LYS D 50 -1.83 -19.62 12.47
CA LYS D 50 -2.24 -20.98 12.84
C LYS D 50 -1.96 -21.95 11.69
N GLU D 51 -2.36 -21.58 10.48
CA GLU D 51 -2.16 -22.47 9.35
C GLU D 51 -0.69 -22.54 8.93
N LEU D 52 0.04 -21.42 9.01
CA LEU D 52 1.46 -21.44 8.65
C LEU D 52 2.23 -22.33 9.61
N LEU D 53 1.90 -22.25 10.89
CA LEU D 53 2.57 -23.09 11.88
C LEU D 53 2.27 -24.57 11.57
N LEU D 54 1.01 -24.88 11.27
CA LEU D 54 0.59 -26.24 10.98
C LEU D 54 1.32 -26.74 9.74
N GLN D 55 1.38 -25.94 8.67
CA GLN D 55 2.02 -26.39 7.44
C GLN D 55 3.53 -26.53 7.59
N ARG D 56 4.20 -25.62 8.29
CA ARG D 56 5.65 -25.79 8.39
C ARG D 56 5.92 -27.03 9.24
N GLY D 57 5.06 -27.34 10.22
CA GLY D 57 5.20 -28.59 10.98
C GLY D 57 5.02 -29.82 10.10
N LEU D 58 4.05 -29.78 9.19
CA LEU D 58 3.84 -30.90 8.28
C LEU D 58 5.05 -31.13 7.38
N ARG D 59 5.62 -30.06 6.81
CA ARG D 59 6.80 -30.24 5.96
C ARG D 59 7.92 -30.87 6.77
N ARG D 60 8.14 -30.39 7.98
CA ARG D 60 9.22 -30.94 8.82
C ARG D 60 9.02 -32.43 9.08
N LYS D 61 7.81 -32.85 9.38
CA LYS D 61 7.56 -34.26 9.67
C LYS D 61 7.65 -35.10 8.39
N LEU D 62 7.12 -34.60 7.27
CA LEU D 62 7.24 -35.34 6.01
C LEU D 62 8.71 -35.53 5.61
N LEU D 63 9.54 -34.51 5.78
CA LEU D 63 10.97 -34.64 5.47
C LEU D 63 11.60 -35.73 6.33
N ALA D 64 11.25 -35.77 7.60
CA ALA D 64 11.81 -36.81 8.47
C ALA D 64 11.27 -38.20 8.15
N ASN D 65 9.97 -38.34 7.96
CA ASN D 65 9.37 -39.64 7.67
C ASN D 65 9.81 -40.21 6.32
N ALA D 66 10.26 -39.35 5.42
CA ALA D 66 10.77 -39.81 4.13
C ALA D 66 12.18 -40.40 4.20
N VAL D 67 12.89 -40.20 5.31
CA VAL D 67 14.23 -40.77 5.44
C VAL D 67 14.10 -42.29 5.50
N ASP D 68 14.86 -43.00 4.66
CA ASP D 68 14.83 -44.47 4.65
C ASP D 68 16.22 -45.04 4.31
N MET E 20 10.30 22.84 29.98
CA MET E 20 10.78 22.55 28.63
C MET E 20 10.64 21.07 28.27
N GLU E 21 10.15 20.28 29.22
CA GLU E 21 9.46 19.02 28.92
C GLU E 21 8.31 19.12 27.90
N GLN E 22 7.54 20.20 27.92
CA GLN E 22 6.44 20.30 26.96
C GLN E 22 6.97 20.48 25.55
N GLN E 23 8.02 21.29 25.38
CA GLN E 23 8.62 21.46 24.07
C GLN E 23 9.22 20.16 23.55
N LEU E 24 9.88 19.41 24.43
CA LEU E 24 10.46 18.14 24.03
C LEU E 24 9.36 17.17 23.60
N TYR E 25 8.28 17.14 24.38
CA TYR E 25 7.18 16.26 24.07
C TYR E 25 6.62 16.61 22.70
N ALA E 26 6.49 17.91 22.42
CA ALA E 26 5.95 18.34 21.13
C ALA E 26 6.82 17.91 19.95
N VAL E 27 8.14 17.99 20.12
CA VAL E 27 9.04 17.57 19.05
C VAL E 27 9.00 16.06 18.89
N MET E 28 8.96 15.33 20.01
CA MET E 28 8.81 13.88 19.93
C MET E 28 7.52 13.52 19.19
N ASP E 29 6.43 14.24 19.50
CA ASP E 29 5.16 13.94 18.84
C ASP E 29 5.24 14.28 17.35
N ASP E 30 5.91 15.37 17.02
CA ASP E 30 6.14 15.71 15.61
C ASP E 30 6.94 14.62 14.87
N ILE E 31 7.99 14.08 15.48
CA ILE E 31 8.72 13.00 14.86
C ILE E 31 7.79 11.80 14.66
N CYS E 32 6.96 11.49 15.66
CA CYS E 32 6.04 10.38 15.54
C CYS E 32 5.01 10.63 14.43
N LYS E 33 4.53 11.86 14.26
CA LYS E 33 3.60 12.17 13.17
C LYS E 33 4.26 11.95 11.80
N LEU E 34 5.52 12.35 11.67
CA LEU E 34 6.22 12.14 10.41
C LEU E 34 6.30 10.62 10.14
N VAL E 35 6.70 9.86 11.16
CA VAL E 35 6.85 8.42 11.02
C VAL E 35 5.49 7.77 10.68
N ASP E 36 4.42 8.25 11.29
CA ASP E 36 3.10 7.70 11.09
C ASP E 36 2.66 7.76 9.64
N ALA E 37 3.13 8.77 8.91
CA ALA E 37 2.74 8.98 7.51
C ALA E 37 3.70 8.41 6.49
N ILE E 38 4.79 7.75 6.93
CA ILE E 38 5.69 7.14 5.95
C ILE E 38 4.95 6.01 5.25
N PRO E 39 4.84 6.08 3.91
CA PRO E 39 4.17 4.97 3.25
C PRO E 39 4.89 3.65 3.42
N LEU E 40 4.13 2.57 3.46
CA LEU E 40 4.69 1.24 3.68
C LEU E 40 5.78 0.92 2.65
N HIS E 41 5.61 1.34 1.41
CA HIS E 41 6.60 1.04 0.37
C HIS E 41 7.90 1.83 0.58
N GLU E 42 7.86 2.97 1.30
CA GLU E 42 9.08 3.66 1.71
C GLU E 42 9.68 3.01 2.97
N LEU E 43 8.81 2.71 3.93
CA LEU E 43 9.22 2.11 5.21
C LEU E 43 9.94 0.79 4.99
N GLU E 44 9.52 0.00 4.02
CA GLU E 44 10.11 -1.33 3.86
C GLU E 44 11.56 -1.28 3.42
N MET E 45 12.02 -0.12 2.94
CA MET E 45 13.40 0.05 2.52
C MET E 45 14.34 0.42 3.67
N LEU E 46 13.77 0.81 4.80
CA LEU E 46 14.60 1.19 5.95
C LEU E 46 15.11 -0.04 6.65
N SER E 47 16.35 0.03 7.12
CA SER E 47 16.93 -1.08 7.88
C SER E 47 16.14 -1.36 9.17
N CYS E 48 15.49 -0.35 9.72
CA CYS E 48 14.70 -0.49 10.93
C CYS E 48 13.20 -0.74 10.68
N ALA E 49 12.83 -1.15 9.47
CA ALA E 49 11.42 -1.29 9.08
C ALA E 49 10.57 -2.03 10.10
N LYS E 50 11.00 -3.22 10.54
CA LYS E 50 10.17 -4.01 11.43
C LYS E 50 9.85 -3.27 12.70
N GLU E 51 10.86 -2.67 13.33
CA GLU E 51 10.66 -2.02 14.59
C GLU E 51 9.90 -0.70 14.45
N LEU E 52 10.14 0.04 13.36
CA LEU E 52 9.45 1.29 13.15
C LEU E 52 7.98 1.00 12.95
N LEU E 53 7.66 -0.04 12.17
CA LEU E 53 6.28 -0.45 11.96
C LEU E 53 5.60 -0.89 13.26
N LEU E 54 6.26 -1.74 14.03
CA LEU E 54 5.70 -2.21 15.28
C LEU E 54 5.45 -1.05 16.23
N GLN E 55 6.44 -0.17 16.39
CA GLN E 55 6.31 0.89 17.36
C GLN E 55 5.26 1.92 16.94
N ARG E 56 5.18 2.26 15.66
CA ARG E 56 4.18 3.25 15.29
C ARG E 56 2.78 2.65 15.48
N GLY E 57 2.64 1.35 15.26
CA GLY E 57 1.38 0.66 15.54
C GLY E 57 1.05 0.68 17.02
N LEU E 58 2.04 0.46 17.86
CA LEU E 58 1.85 0.49 19.32
C LEU E 58 1.38 1.88 19.76
N ARG E 59 1.99 2.93 19.21
CA ARG E 59 1.58 4.29 19.53
C ARG E 59 0.10 4.52 19.18
N ARG E 60 -0.34 4.06 18.00
CA ARG E 60 -1.75 4.22 17.57
C ARG E 60 -2.65 3.52 18.58
N LYS E 61 -2.27 2.33 19.01
CA LYS E 61 -3.10 1.59 19.95
C LYS E 61 -3.20 2.28 21.30
N LEU E 62 -2.08 2.81 21.79
CA LEU E 62 -2.09 3.51 23.08
C LEU E 62 -2.92 4.77 23.01
N LEU E 63 -2.81 5.51 21.92
CA LEU E 63 -3.63 6.71 21.77
C LEU E 63 -5.14 6.36 21.76
N ALA E 64 -5.50 5.29 21.07
CA ALA E 64 -6.89 4.87 21.03
C ALA E 64 -7.36 4.35 22.38
N ASN E 65 -6.48 3.63 23.10
CA ASN E 65 -6.85 3.08 24.40
C ASN E 65 -7.14 4.15 25.46
N ALA E 66 -6.53 5.33 25.27
CA ALA E 66 -6.71 6.43 26.22
C ALA E 66 -8.04 7.19 26.02
N VAL E 67 -8.74 6.93 24.93
CA VAL E 67 -10.03 7.58 24.68
C VAL E 67 -11.07 7.06 25.66
N ASP E 68 -11.75 7.99 26.34
CA ASP E 68 -12.80 7.68 27.33
C ASP E 68 -14.14 8.17 26.85
N GLU F 21 0.42 6.57 29.87
CA GLU F 21 1.04 7.89 29.85
C GLU F 21 2.57 7.78 29.74
N GLN F 22 3.19 7.23 30.78
CA GLN F 22 4.65 7.01 30.77
C GLN F 22 4.94 5.97 29.71
N GLN F 23 4.01 5.03 29.54
CA GLN F 23 4.13 4.02 28.49
C GLN F 23 4.12 4.69 27.10
N LEU F 24 3.26 5.69 26.89
CA LEU F 24 3.22 6.37 25.62
C LEU F 24 4.54 7.10 25.39
N TYR F 25 5.05 7.74 26.43
CA TYR F 25 6.32 8.46 26.33
C TYR F 25 7.45 7.49 25.93
N ALA F 26 7.46 6.30 26.54
CA ALA F 26 8.48 5.31 26.23
C ALA F 26 8.43 4.85 24.77
N VAL F 27 7.22 4.65 24.22
CA VAL F 27 7.08 4.26 22.82
C VAL F 27 7.52 5.40 21.90
N MET F 28 7.12 6.62 22.24
CA MET F 28 7.55 7.79 21.49
C MET F 28 9.07 7.90 21.48
N ASP F 29 9.70 7.69 22.64
CA ASP F 29 11.17 7.78 22.70
C ASP F 29 11.81 6.64 21.89
N ASP F 30 11.21 5.45 21.93
CA ASP F 30 11.71 4.34 21.09
C ASP F 30 11.64 4.70 19.61
N ILE F 31 10.55 5.32 19.16
CA ILE F 31 10.47 5.74 17.78
C ILE F 31 11.58 6.72 17.46
N CYS F 32 11.81 7.67 18.37
CA CYS F 32 12.88 8.65 18.17
C CYS F 32 14.28 8.01 18.17
N LYS F 33 14.50 6.97 18.97
CA LYS F 33 15.78 6.24 18.95
C LYS F 33 15.99 5.58 17.57
N LEU F 34 14.93 5.00 17.02
CA LEU F 34 15.03 4.40 15.70
C LEU F 34 15.35 5.48 14.65
N VAL F 35 14.65 6.61 14.72
CA VAL F 35 14.89 7.69 13.76
C VAL F 35 16.35 8.21 13.86
N ASP F 36 16.89 8.27 15.08
CA ASP F 36 18.26 8.75 15.26
C ASP F 36 19.27 7.88 14.50
N ALA F 37 18.97 6.58 14.39
CA ALA F 37 19.88 5.62 13.79
C ALA F 37 19.64 5.39 12.29
N ILE F 38 18.66 6.06 11.69
CA ILE F 38 18.46 5.91 10.25
C ILE F 38 19.65 6.55 9.54
N PRO F 39 20.39 5.78 8.73
CA PRO F 39 21.50 6.38 7.98
C PRO F 39 21.04 7.42 6.99
N LEU F 40 21.88 8.41 6.72
CA LEU F 40 21.51 9.50 5.86
C LEU F 40 20.98 9.02 4.49
N HIS F 41 21.58 8.00 3.89
CA HIS F 41 21.14 7.58 2.56
C HIS F 41 19.81 6.90 2.58
N GLU F 42 19.42 6.33 3.71
CA GLU F 42 18.07 5.80 3.86
C GLU F 42 17.10 6.94 4.14
N LEU F 43 17.47 7.87 5.01
CA LEU F 43 16.60 9.00 5.34
C LEU F 43 16.25 9.83 4.10
N GLU F 44 17.24 10.04 3.24
CA GLU F 44 17.09 10.89 2.07
C GLU F 44 16.14 10.30 1.02
N MET F 45 15.82 9.01 1.14
CA MET F 45 14.81 8.40 0.25
C MET F 45 13.39 8.63 0.74
N LEU F 46 13.23 9.11 1.96
CA LEU F 46 11.89 9.33 2.50
C LEU F 46 11.28 10.64 2.00
N SER F 47 9.97 10.60 1.73
CA SER F 47 9.25 11.81 1.35
C SER F 47 9.34 12.86 2.45
N CYS F 48 9.46 12.43 3.72
CA CYS F 48 9.57 13.37 4.83
C CYS F 48 11.00 13.69 5.22
N ALA F 49 11.97 13.46 4.33
CA ALA F 49 13.37 13.63 4.68
C ALA F 49 13.72 14.98 5.31
N LYS F 50 13.27 16.07 4.72
CA LYS F 50 13.72 17.37 5.16
C LYS F 50 13.25 17.64 6.60
N GLU F 51 11.97 17.41 6.86
CA GLU F 51 11.45 17.70 8.19
C GLU F 51 11.94 16.66 9.22
N LEU F 52 12.12 15.40 8.82
CA LEU F 52 12.60 14.36 9.74
C LEU F 52 14.01 14.70 10.20
N LEU F 53 14.88 15.14 9.30
CA LEU F 53 16.23 15.54 9.67
C LEU F 53 16.18 16.72 10.63
N LEU F 54 15.36 17.71 10.31
CA LEU F 54 15.25 18.90 11.18
C LEU F 54 14.76 18.53 12.55
N GLN F 55 13.71 17.71 12.63
CA GLN F 55 13.10 17.42 13.93
C GLN F 55 14.04 16.55 14.78
N ARG F 56 14.72 15.57 14.17
CA ARG F 56 15.59 14.75 15.00
C ARG F 56 16.75 15.61 15.53
N GLY F 57 17.21 16.59 14.76
CA GLY F 57 18.23 17.51 15.26
C GLY F 57 17.72 18.34 16.42
N LEU F 58 16.48 18.79 16.33
CA LEU F 58 15.89 19.61 17.38
C LEU F 58 15.76 18.82 18.68
N ARG F 59 15.26 17.60 18.57
CA ARG F 59 15.16 16.74 19.77
C ARG F 59 16.54 16.55 20.42
N ARG F 60 17.56 16.30 19.60
CA ARG F 60 18.91 16.09 20.12
C ARG F 60 19.37 17.32 20.92
N LYS F 61 19.12 18.51 20.41
CA LYS F 61 19.52 19.72 21.10
C LYS F 61 18.70 19.93 22.39
N LEU F 62 17.40 19.65 22.32
CA LEU F 62 16.55 19.83 23.50
C LEU F 62 16.92 18.85 24.62
N LEU F 63 17.23 17.62 24.24
CA LEU F 63 17.64 16.63 25.24
C LEU F 63 18.88 17.10 25.98
N ALA F 64 19.84 17.64 25.24
CA ALA F 64 21.06 18.12 25.89
C ALA F 64 20.80 19.37 26.77
N ASN F 65 19.96 20.29 26.26
CA ASN F 65 19.66 21.51 26.96
C ASN F 65 18.94 21.27 28.27
N ALA F 66 18.20 20.16 28.33
CA ALA F 66 17.48 19.82 29.56
C ALA F 66 18.32 19.17 30.66
N VAL F 67 19.55 18.80 30.35
CA VAL F 67 20.42 18.21 31.37
C VAL F 67 20.76 19.26 32.40
N ASP F 68 20.57 18.92 33.68
CA ASP F 68 20.77 19.83 34.81
C ASP F 68 21.97 19.43 35.64
N MET G 20 10.39 34.70 -16.32
CA MET G 20 9.26 34.96 -17.21
C MET G 20 8.76 33.65 -17.82
N GLU G 21 9.00 33.46 -19.11
CA GLU G 21 9.12 32.14 -19.71
C GLU G 21 10.13 31.29 -18.93
N GLN G 22 11.18 31.90 -18.38
CA GLN G 22 12.16 31.16 -17.60
C GLN G 22 11.55 30.64 -16.30
N GLN G 23 10.75 31.48 -15.66
CA GLN G 23 10.05 31.08 -14.44
C GLN G 23 9.07 29.94 -14.73
N LEU G 24 8.37 30.03 -15.86
CA LEU G 24 7.44 28.98 -16.24
C LEU G 24 8.17 27.64 -16.49
N TYR G 25 9.30 27.71 -17.18
CA TYR G 25 10.08 26.50 -17.46
C TYR G 25 10.51 25.83 -16.15
N ALA G 26 10.94 26.65 -15.18
CA ALA G 26 11.38 26.14 -13.90
C ALA G 26 10.27 25.42 -13.17
N VAL G 27 9.05 25.98 -13.23
CA VAL G 27 7.91 25.34 -12.56
C VAL G 27 7.56 24.04 -13.31
N MET G 28 7.58 24.08 -14.63
CA MET G 28 7.33 22.88 -15.42
C MET G 28 8.33 21.78 -15.07
N ASP G 29 9.60 22.15 -14.95
CA ASP G 29 10.63 21.16 -14.62
C ASP G 29 10.42 20.62 -13.19
N ASP G 30 10.02 21.49 -12.27
CA ASP G 30 9.72 21.03 -10.90
C ASP G 30 8.58 20.01 -10.88
N ILE G 31 7.52 20.23 -11.68
CA ILE G 31 6.44 19.26 -11.78
C ILE G 31 7.00 17.95 -12.32
N CYS G 32 7.85 18.03 -13.34
CA CYS G 32 8.43 16.81 -13.90
C CYS G 32 9.32 16.09 -12.88
N LYS G 33 10.06 16.83 -12.06
CA LYS G 33 10.88 16.20 -11.02
C LYS G 33 9.97 15.47 -10.00
N LEU G 34 8.86 16.09 -9.63
CA LEU G 34 7.95 15.43 -8.70
C LEU G 34 7.40 14.15 -9.36
N VAL G 35 6.97 14.24 -10.62
CA VAL G 35 6.42 13.08 -11.31
C VAL G 35 7.48 11.95 -11.40
N ASP G 36 8.73 12.29 -11.62
CA ASP G 36 9.79 11.28 -11.69
C ASP G 36 9.87 10.45 -10.42
N ALA G 37 9.57 11.06 -9.28
CA ALA G 37 9.69 10.40 -8.00
C ALA G 37 8.43 9.71 -7.50
N ILE G 38 7.35 9.75 -8.29
CA ILE G 38 6.15 9.02 -7.91
C ILE G 38 6.42 7.52 -8.15
N PRO G 39 6.37 6.70 -7.08
CA PRO G 39 6.59 5.27 -7.26
C PRO G 39 5.47 4.55 -7.98
N LEU G 40 5.79 3.43 -8.62
CA LEU G 40 4.77 2.67 -9.35
C LEU G 40 3.58 2.36 -8.43
N HIS G 41 3.81 2.10 -7.14
CA HIS G 41 2.72 1.75 -6.27
C HIS G 41 1.70 2.91 -6.09
N GLU G 42 2.19 4.14 -6.11
CA GLU G 42 1.31 5.32 -6.06
C GLU G 42 0.74 5.63 -7.42
N LEU G 43 1.53 5.46 -8.47
CA LEU G 43 1.05 5.72 -9.82
C LEU G 43 -0.19 4.94 -10.08
N GLU G 44 -0.28 3.72 -9.58
CA GLU G 44 -1.41 2.85 -9.92
C GLU G 44 -2.73 3.38 -9.35
N MET G 45 -2.65 4.37 -8.47
CA MET G 45 -3.80 5.04 -7.89
C MET G 45 -4.36 6.11 -8.82
N LEU G 46 -3.55 6.53 -9.79
CA LEU G 46 -3.93 7.60 -10.70
C LEU G 46 -4.57 7.06 -11.96
N SER G 47 -5.66 7.71 -12.37
CA SER G 47 -6.31 7.34 -13.63
C SER G 47 -5.41 7.53 -14.84
N CYS G 48 -4.48 8.50 -14.75
CA CYS G 48 -3.59 8.83 -15.86
C CYS G 48 -2.24 8.13 -15.79
N ALA G 49 -2.15 7.06 -14.99
CA ALA G 49 -0.87 6.35 -14.81
C ALA G 49 -0.16 5.99 -16.11
N LYS G 50 -0.87 5.43 -17.08
CA LYS G 50 -0.26 4.95 -18.29
C LYS G 50 0.46 6.09 -19.02
N GLU G 51 -0.20 7.23 -19.12
CA GLU G 51 0.36 8.34 -19.83
C GLU G 51 1.48 9.03 -19.04
N LEU G 52 1.37 9.09 -17.71
CA LEU G 52 2.46 9.64 -16.91
C LEU G 52 3.70 8.80 -17.05
N LEU G 53 3.53 7.49 -17.04
CA LEU G 53 4.64 6.59 -17.18
C LEU G 53 5.29 6.75 -18.57
N LEU G 54 4.49 6.79 -19.63
CA LEU G 54 5.05 6.94 -20.97
C LEU G 54 5.76 8.28 -21.11
N GLN G 55 5.12 9.37 -20.68
CA GLN G 55 5.70 10.68 -20.87
C GLN G 55 6.94 10.89 -20.00
N ARG G 56 6.93 10.42 -18.75
CA ARG G 56 8.15 10.65 -17.94
C ARG G 56 9.27 9.83 -18.53
N GLY G 57 8.99 8.66 -19.09
CA GLY G 57 10.02 7.92 -19.80
C GLY G 57 10.57 8.65 -21.01
N LEU G 58 9.70 9.27 -21.80
CA LEU G 58 10.12 10.01 -22.96
C LEU G 58 10.99 11.21 -22.56
N ARG G 59 10.59 11.96 -21.53
CA ARG G 59 11.42 13.07 -21.07
C ARG G 59 12.81 12.56 -20.67
N ARG G 60 12.87 11.46 -19.95
CA ARG G 60 14.13 10.89 -19.48
C ARG G 60 15.05 10.57 -20.69
N LYS G 61 14.48 9.97 -21.74
CA LYS G 61 15.25 9.65 -22.93
C LYS G 61 15.71 10.90 -23.66
N LEU G 62 14.84 11.91 -23.75
CA LEU G 62 15.23 13.14 -24.44
C LEU G 62 16.36 13.87 -23.69
N LEU G 63 16.31 13.89 -22.36
CA LEU G 63 17.35 14.53 -21.58
C LEU G 63 18.69 13.85 -21.84
N ALA G 64 18.70 12.53 -21.87
CA ALA G 64 19.94 11.79 -22.12
C ALA G 64 20.42 11.96 -23.56
N ASN G 65 19.50 11.95 -24.52
CA ASN G 65 19.86 12.06 -25.93
C ASN G 65 20.47 13.42 -26.27
N ALA G 66 20.12 14.42 -25.48
CA ALA G 66 20.66 15.76 -25.69
C ALA G 66 22.09 15.94 -25.17
N VAL G 67 22.59 14.96 -24.40
CA VAL G 67 23.95 15.07 -23.90
C VAL G 67 24.91 14.89 -25.05
N ASP G 68 25.82 15.87 -25.19
CA ASP G 68 26.77 15.93 -26.30
C ASP G 68 28.21 15.80 -25.85
N MET H 20 16.27 21.22 -30.90
CA MET H 20 14.95 20.83 -30.43
C MET H 20 15.06 19.67 -29.45
N GLU H 21 14.74 19.78 -28.16
CA GLU H 21 14.48 20.96 -27.29
C GLU H 21 13.03 21.48 -27.35
N GLN H 22 12.49 21.72 -28.53
CA GLN H 22 11.08 22.05 -28.62
C GLN H 22 10.35 20.76 -28.27
N GLN H 23 10.93 19.63 -28.66
CA GLN H 23 10.36 18.34 -28.32
C GLN H 23 10.33 18.14 -26.80
N LEU H 24 11.41 18.52 -26.12
CA LEU H 24 11.47 18.38 -24.68
C LEU H 24 10.41 19.27 -24.03
N TYR H 25 10.26 20.50 -24.51
CA TYR H 25 9.26 21.39 -23.93
C TYR H 25 7.87 20.79 -24.09
N ALA H 26 7.60 20.20 -25.26
CA ALA H 26 6.29 19.62 -25.52
C ALA H 26 6.00 18.47 -24.57
N VAL H 27 7.00 17.62 -24.31
CA VAL H 27 6.77 16.52 -23.38
C VAL H 27 6.57 17.04 -21.95
N MET H 28 7.38 18.03 -21.53
CA MET H 28 7.19 18.65 -20.24
C MET H 28 5.76 19.23 -20.14
N ASP H 29 5.30 19.89 -21.19
CA ASP H 29 3.96 20.47 -21.15
C ASP H 29 2.89 19.37 -21.07
N ASP H 30 3.09 18.28 -21.79
CA ASP H 30 2.17 17.14 -21.72
C ASP H 30 2.10 16.56 -20.30
N ILE H 31 3.24 16.43 -19.61
CA ILE H 31 3.25 15.96 -18.23
C ILE H 31 2.43 16.94 -17.37
N CYS H 32 2.62 18.25 -17.56
CA CYS H 32 1.86 19.25 -16.82
C CYS H 32 0.35 19.17 -17.13
N LYS H 33 -0.03 18.89 -18.36
CA LYS H 33 -1.44 18.72 -18.72
C LYS H 33 -2.04 17.51 -18.00
N LEU H 34 -1.31 16.41 -17.94
CA LEU H 34 -1.78 15.25 -17.22
C LEU H 34 -1.98 15.61 -15.73
N VAL H 35 -0.99 16.28 -15.12
CA VAL H 35 -1.08 16.66 -13.70
C VAL H 35 -2.29 17.59 -13.45
N ASP H 36 -2.55 18.52 -14.39
CA ASP H 36 -3.66 19.43 -14.25
C ASP H 36 -5.00 18.71 -14.12
N ALA H 37 -5.12 17.56 -14.79
CA ALA H 37 -6.39 16.84 -14.83
C ALA H 37 -6.53 15.76 -13.76
N ILE H 38 -5.52 15.59 -12.90
CA ILE H 38 -5.64 14.64 -11.79
C ILE H 38 -6.70 15.16 -10.82
N PRO H 39 -7.74 14.36 -10.55
CA PRO H 39 -8.74 14.80 -9.58
C PRO H 39 -8.14 14.96 -8.18
N LEU H 40 -8.62 15.92 -7.41
CA LEU H 40 -8.06 16.18 -6.11
C LEU H 40 -8.06 14.92 -5.23
N HIS H 41 -9.10 14.10 -5.29
CA HIS H 41 -9.15 12.95 -4.38
C HIS H 41 -8.06 11.93 -4.74
N GLU H 42 -7.62 11.89 -6.00
CA GLU H 42 -6.49 11.05 -6.39
C GLU H 42 -5.17 11.73 -6.02
N LEU H 43 -5.05 13.02 -6.30
CA LEU H 43 -3.79 13.74 -6.04
C LEU H 43 -3.40 13.65 -4.56
N GLU H 44 -4.39 13.77 -3.68
CA GLU H 44 -4.15 13.77 -2.23
C GLU H 44 -3.71 12.38 -1.73
N MET H 45 -3.77 11.35 -2.58
CA MET H 45 -3.27 10.02 -2.23
C MET H 45 -1.75 9.97 -2.37
N LEU H 46 -1.19 10.94 -3.07
CA LEU H 46 0.25 10.96 -3.34
C LEU H 46 1.04 11.54 -2.19
N SER H 47 2.21 10.96 -1.93
CA SER H 47 3.10 11.51 -0.91
C SER H 47 3.54 12.94 -1.24
N CYS H 48 3.59 13.27 -2.54
CA CYS H 48 4.00 14.60 -2.98
C CYS H 48 2.83 15.56 -3.18
N ALA H 49 1.66 15.22 -2.66
CA ALA H 49 0.44 16.02 -2.91
C ALA H 49 0.62 17.51 -2.66
N LYS H 50 1.18 17.88 -1.51
CA LYS H 50 1.24 19.28 -1.13
C LYS H 50 2.03 20.07 -2.17
N GLU H 51 3.20 19.58 -2.57
CA GLU H 51 4.02 20.31 -3.51
C GLU H 51 3.47 20.23 -4.94
N LEU H 52 2.89 19.08 -5.31
CA LEU H 52 2.32 18.94 -6.65
C LEU H 52 1.14 19.89 -6.82
N LEU H 53 0.31 20.01 -5.81
CA LEU H 53 -0.81 20.97 -5.87
C LEU H 53 -0.27 22.41 -5.97
N LEU H 54 0.74 22.73 -5.18
CA LEU H 54 1.33 24.07 -5.20
C LEU H 54 1.88 24.40 -6.60
N GLN H 55 2.67 23.48 -7.16
CA GLN H 55 3.30 23.74 -8.42
C GLN H 55 2.29 23.78 -9.57
N ARG H 56 1.29 22.92 -9.58
CA ARG H 56 0.36 23.00 -10.71
C ARG H 56 -0.43 24.32 -10.61
N GLY H 57 -0.70 24.80 -9.40
CA GLY H 57 -1.34 26.10 -9.21
C GLY H 57 -0.45 27.24 -9.71
N LEU H 58 0.85 27.16 -9.42
CA LEU H 58 1.79 28.19 -9.85
C LEU H 58 1.86 28.25 -11.38
N ARG H 59 1.92 27.08 -12.03
CA ARG H 59 1.93 27.06 -13.49
C ARG H 59 0.66 27.72 -14.06
N ARG H 60 -0.49 27.42 -13.48
CA ARG H 60 -1.76 27.99 -13.93
C ARG H 60 -1.72 29.52 -13.82
N LYS H 61 -1.19 30.03 -12.72
CA LYS H 61 -1.09 31.48 -12.53
C LYS H 61 -0.11 32.11 -13.50
N LEU H 62 1.04 31.46 -13.73
CA LEU H 62 2.02 32.02 -14.66
C LEU H 62 1.50 32.05 -16.09
N LEU H 63 0.78 31.00 -16.51
CA LEU H 63 0.20 30.99 -17.84
C LEU H 63 -0.80 32.14 -18.03
N ALA H 64 -1.62 32.40 -17.02
CA ALA H 64 -2.60 33.49 -17.12
C ALA H 64 -1.91 34.85 -17.09
N ASN H 65 -0.90 34.99 -16.23
CA ASN H 65 -0.20 36.26 -16.08
C ASN H 65 0.52 36.67 -17.33
N ALA H 66 0.90 35.69 -18.15
CA ALA H 66 1.62 35.94 -19.40
C ALA H 66 0.72 36.37 -20.55
N VAL H 67 -0.59 36.28 -20.36
CA VAL H 67 -1.52 36.72 -21.40
C VAL H 67 -1.43 38.23 -21.49
N ASP H 68 -1.18 38.72 -22.71
CA ASP H 68 -0.98 40.14 -22.92
C ASP H 68 -2.07 40.75 -23.80
N HIS I 19 -14.88 28.65 22.27
CA HIS I 19 -14.72 27.92 23.53
C HIS I 19 -14.98 26.43 23.32
N MET I 20 -16.25 26.04 23.23
CA MET I 20 -16.59 24.63 23.08
C MET I 20 -16.34 24.11 21.66
N GLU I 21 -15.87 24.98 20.76
CA GLU I 21 -15.15 24.52 19.58
C GLU I 21 -14.03 23.55 19.94
N GLN I 22 -13.36 23.81 21.05
CA GLN I 22 -12.27 22.96 21.50
C GLN I 22 -12.75 21.59 21.92
N GLN I 23 -13.89 21.56 22.62
CA GLN I 23 -14.46 20.30 23.05
C GLN I 23 -14.84 19.45 21.83
N LEU I 24 -15.43 20.10 20.83
CA LEU I 24 -15.82 19.37 19.62
C LEU I 24 -14.60 18.81 18.89
N TYR I 25 -13.54 19.61 18.77
CA TYR I 25 -12.32 19.17 18.10
C TYR I 25 -11.73 17.97 18.83
N ALA I 26 -11.75 18.01 20.15
CA ALA I 26 -11.24 16.90 20.95
C ALA I 26 -12.02 15.62 20.71
N VAL I 27 -13.35 15.71 20.64
CA VAL I 27 -14.13 14.50 20.39
C VAL I 27 -13.89 14.01 18.96
N MET I 28 -13.83 14.92 17.98
CA MET I 28 -13.52 14.52 16.61
C MET I 28 -12.16 13.81 16.56
N ASP I 29 -11.18 14.35 17.27
CA ASP I 29 -9.85 13.74 17.29
C ASP I 29 -9.90 12.37 17.96
N ASP I 30 -10.67 12.25 19.04
CA ASP I 30 -10.85 10.96 19.70
C ASP I 30 -11.49 9.93 18.76
N ILE I 31 -12.50 10.33 18.00
CA ILE I 31 -13.09 9.42 17.01
C ILE I 31 -12.02 9.00 15.98
N CYS I 32 -11.24 9.94 15.48
CA CYS I 32 -10.18 9.60 14.52
C CYS I 32 -9.12 8.65 15.13
N LYS I 33 -8.79 8.86 16.40
CA LYS I 33 -7.82 7.97 17.05
C LYS I 33 -8.36 6.53 17.13
N LEU I 34 -9.65 6.38 17.47
CA LEU I 34 -10.24 5.04 17.49
C LEU I 34 -10.17 4.43 16.09
N VAL I 35 -10.53 5.20 15.08
CA VAL I 35 -10.53 4.71 13.72
C VAL I 35 -9.10 4.28 13.33
N ASP I 36 -8.12 5.07 13.76
CA ASP I 36 -6.72 4.79 13.46
C ASP I 36 -6.24 3.42 13.95
N ALA I 37 -6.80 2.96 15.06
CA ALA I 37 -6.38 1.70 15.70
C ALA I 37 -7.25 0.50 15.32
N ILE I 38 -8.26 0.70 14.48
CA ILE I 38 -9.07 -0.45 14.04
C ILE I 38 -8.19 -1.36 13.21
N PRO I 39 -8.06 -2.64 13.62
CA PRO I 39 -7.24 -3.53 12.80
C PRO I 39 -7.83 -3.68 11.41
N LEU I 40 -6.95 -3.84 10.42
CA LEU I 40 -7.38 -3.90 9.04
C LEU I 40 -8.45 -4.96 8.78
N HIS I 41 -8.35 -6.10 9.43
CA HIS I 41 -9.29 -7.18 9.21
C HIS I 41 -10.69 -6.85 9.74
N GLU I 42 -10.77 -5.99 10.75
CA GLU I 42 -12.06 -5.50 11.23
C GLU I 42 -12.61 -4.43 10.31
N LEU I 43 -11.74 -3.52 9.89
CA LEU I 43 -12.13 -2.40 9.03
C LEU I 43 -12.74 -2.92 7.72
N GLU I 44 -12.16 -3.98 7.16
CA GLU I 44 -12.61 -4.49 5.86
C GLU I 44 -14.00 -5.12 5.90
N MET I 45 -14.52 -5.35 7.10
CA MET I 45 -15.89 -5.84 7.24
C MET I 45 -16.90 -4.70 7.13
N LEU I 46 -16.44 -3.47 7.19
CA LEU I 46 -17.34 -2.32 7.14
C LEU I 46 -17.75 -1.99 5.71
N SER I 47 -19.00 -1.61 5.52
CA SER I 47 -19.48 -1.20 4.21
C SER I 47 -18.70 0.00 3.67
N CYS I 48 -18.23 0.85 4.58
CA CYS I 48 -17.49 2.07 4.21
C CYS I 48 -15.98 1.86 4.21
N ALA I 49 -15.55 0.60 4.22
CA ALA I 49 -14.15 0.26 4.39
C ALA I 49 -13.19 1.03 3.48
N LYS I 50 -13.50 1.10 2.19
CA LYS I 50 -12.55 1.67 1.25
C LYS I 50 -12.31 3.17 1.56
N GLU I 51 -13.38 3.93 1.79
CA GLU I 51 -13.22 5.36 2.10
C GLU I 51 -12.69 5.58 3.51
N LEU I 52 -13.05 4.74 4.47
CA LEU I 52 -12.51 4.91 5.82
C LEU I 52 -11.00 4.72 5.80
N LEU I 53 -10.53 3.74 5.04
CA LEU I 53 -9.11 3.51 4.94
C LEU I 53 -8.41 4.71 4.27
N LEU I 54 -8.98 5.23 3.20
CA LEU I 54 -8.41 6.37 2.50
C LEU I 54 -8.33 7.59 3.42
N GLN I 55 -9.41 7.88 4.13
CA GLN I 55 -9.48 9.09 4.94
C GLN I 55 -8.56 8.98 6.15
N ARG I 56 -8.47 7.82 6.78
CA ARG I 56 -7.58 7.74 7.94
C ARG I 56 -6.12 7.91 7.49
N GLY I 57 -5.79 7.42 6.30
CA GLY I 57 -4.46 7.66 5.75
C GLY I 57 -4.23 9.13 5.43
N LEU I 58 -5.24 9.78 4.85
CA LEU I 58 -5.12 11.20 4.52
C LEU I 58 -4.90 12.03 5.78
N ARG I 59 -5.62 11.75 6.85
CA ARG I 59 -5.41 12.48 8.09
C ARG I 59 -3.94 12.40 8.56
N ARG I 60 -3.35 11.22 8.51
CA ARG I 60 -1.95 11.06 8.92
C ARG I 60 -1.05 11.92 8.05
N LYS I 61 -1.31 11.94 6.75
CA LYS I 61 -0.50 12.74 5.84
C LYS I 61 -0.65 14.23 6.17
N LEU I 62 -1.87 14.69 6.45
CA LEU I 62 -2.04 16.10 6.77
C LEU I 62 -1.40 16.48 8.11
N LEU I 63 -1.49 15.61 9.11
CA LEU I 63 -0.85 15.88 10.40
C LEU I 63 0.67 15.98 10.21
N ALA I 64 1.22 15.10 9.39
CA ALA I 64 2.65 15.14 9.13
C ALA I 64 3.05 16.38 8.32
N ASN I 65 2.24 16.74 7.32
CA ASN I 65 2.57 17.92 6.51
C ASN I 65 2.54 19.23 7.30
N ALA I 66 1.83 19.25 8.42
CA ALA I 66 1.77 20.45 9.25
C ALA I 66 2.99 20.61 10.18
N VAL I 67 3.85 19.59 10.24
CA VAL I 67 5.05 19.67 11.04
C VAL I 67 6.05 20.64 10.41
N ASP I 68 6.53 21.60 11.20
CA ASP I 68 7.49 22.60 10.70
C ASP I 68 8.49 23.07 11.76
N HIS J 19 -5.49 27.86 6.38
CA HIS J 19 -6.05 26.91 5.43
C HIS J 19 -5.69 25.45 5.72
N MET J 20 -4.50 25.19 6.24
CA MET J 20 -4.13 23.79 6.48
C MET J 20 -4.90 23.27 7.70
N GLU J 21 -5.25 24.13 8.65
CA GLU J 21 -6.13 23.69 9.74
C GLU J 21 -7.53 23.40 9.22
N GLN J 22 -8.02 24.17 8.27
CA GLN J 22 -9.34 23.92 7.71
C GLN J 22 -9.36 22.60 6.93
N GLN J 23 -8.27 22.31 6.22
CA GLN J 23 -8.16 21.05 5.47
C GLN J 23 -8.18 19.85 6.43
N LEU J 24 -7.43 19.95 7.52
CA LEU J 24 -7.40 18.88 8.50
C LEU J 24 -8.79 18.70 9.15
N TYR J 25 -9.43 19.80 9.51
CA TYR J 25 -10.76 19.73 10.13
C TYR J 25 -11.73 19.02 9.20
N ALA J 26 -11.63 19.33 7.91
CA ALA J 26 -12.50 18.72 6.92
C ALA J 26 -12.30 17.23 6.82
N VAL J 27 -11.05 16.76 6.86
CA VAL J 27 -10.81 15.32 6.79
C VAL J 27 -11.29 14.65 8.09
N MET J 28 -11.05 15.27 9.23
CA MET J 28 -11.55 14.74 10.50
C MET J 28 -13.06 14.61 10.45
N ASP J 29 -13.73 15.65 9.92
CA ASP J 29 -15.19 15.66 9.83
C ASP J 29 -15.66 14.58 8.86
N ASP J 30 -14.92 14.37 7.77
CA ASP J 30 -15.27 13.29 6.85
C ASP J 30 -15.19 11.92 7.53
N ILE J 31 -14.15 11.69 8.35
CA ILE J 31 -14.05 10.44 9.08
C ILE J 31 -15.25 10.30 10.02
N CYS J 32 -15.61 11.40 10.69
CA CYS J 32 -16.78 11.36 11.57
C CYS J 32 -18.09 11.10 10.81
N LYS J 33 -18.23 11.65 9.62
CA LYS J 33 -19.41 11.39 8.80
C LYS J 33 -19.50 9.90 8.42
N LEU J 34 -18.37 9.30 8.04
CA LEU J 34 -18.37 7.88 7.74
C LEU J 34 -18.79 7.10 8.99
N VAL J 35 -18.23 7.44 10.15
CA VAL J 35 -18.54 6.71 11.38
C VAL J 35 -20.04 6.83 11.72
N ASP J 36 -20.59 8.00 11.50
CA ASP J 36 -22.00 8.26 11.79
C ASP J 36 -22.90 7.29 11.02
N ALA J 37 -22.48 6.91 9.82
CA ALA J 37 -23.31 6.08 8.93
C ALA J 37 -23.04 4.58 9.04
N ILE J 38 -22.11 4.18 9.92
CA ILE J 38 -21.89 2.75 10.14
C ILE J 38 -23.14 2.18 10.85
N PRO J 39 -23.80 1.16 10.24
CA PRO J 39 -24.95 0.55 10.92
C PRO J 39 -24.52 -0.15 12.21
N LEU J 40 -25.39 -0.20 13.22
CA LEU J 40 -25.04 -0.80 14.52
C LEU J 40 -24.53 -2.24 14.40
N HIS J 41 -25.12 -3.03 13.53
CA HIS J 41 -24.73 -4.44 13.45
C HIS J 41 -23.31 -4.58 12.91
N GLU J 42 -22.86 -3.61 12.11
CA GLU J 42 -21.48 -3.60 11.66
C GLU J 42 -20.57 -3.07 12.76
N LEU J 43 -21.01 -1.98 13.39
CA LEU J 43 -20.22 -1.31 14.41
C LEU J 43 -19.93 -2.27 15.59
N GLU J 44 -20.91 -3.10 15.95
CA GLU J 44 -20.77 -4.00 17.10
C GLU J 44 -19.73 -5.10 16.87
N MET J 45 -19.30 -5.26 15.62
CA MET J 45 -18.25 -6.22 15.28
C MET J 45 -16.87 -5.67 15.60
N LEU J 46 -16.78 -4.36 15.83
CA LEU J 46 -15.49 -3.74 16.09
C LEU J 46 -15.07 -3.89 17.54
N SER J 47 -13.79 -4.13 17.78
CA SER J 47 -13.27 -4.23 19.13
C SER J 47 -13.51 -2.92 19.90
N CYS J 48 -13.54 -1.80 19.20
CA CYS J 48 -13.73 -0.49 19.83
C CYS J 48 -15.20 -0.06 19.83
N ALA J 49 -16.11 -1.00 19.60
CA ALA J 49 -17.54 -0.69 19.42
C ALA J 49 -18.09 0.21 20.52
N LYS J 50 -17.80 -0.12 21.77
CA LYS J 50 -18.37 0.62 22.90
C LYS J 50 -17.97 2.10 22.89
N GLU J 51 -16.69 2.33 22.73
CA GLU J 51 -16.15 3.67 22.77
C GLU J 51 -16.49 4.46 21.52
N LEU J 52 -16.52 3.79 20.36
CA LEU J 52 -16.88 4.47 19.11
C LEU J 52 -18.33 4.94 19.14
N LEU J 53 -19.20 4.10 19.68
CA LEU J 53 -20.62 4.42 19.83
C LEU J 53 -20.77 5.62 20.77
N LEU J 54 -20.05 5.58 21.89
CA LEU J 54 -20.09 6.68 22.85
C LEU J 54 -19.63 8.00 22.23
N GLN J 55 -18.47 7.96 21.56
CA GLN J 55 -17.89 9.19 21.02
C GLN J 55 -18.73 9.74 19.87
N ARG J 56 -19.27 8.89 19.00
CA ARG J 56 -20.05 9.46 17.90
C ARG J 56 -21.33 10.06 18.49
N GLY J 57 -21.87 9.50 19.56
CA GLY J 57 -23.01 10.12 20.22
C GLY J 57 -22.65 11.49 20.80
N LEU J 58 -21.48 11.58 21.42
CA LEU J 58 -21.02 12.83 22.02
C LEU J 58 -20.83 13.91 20.96
N ARG J 59 -20.24 13.56 19.84
CA ARG J 59 -20.09 14.53 18.76
C ARG J 59 -21.46 15.04 18.31
N ARG J 60 -22.44 14.14 18.16
CA ARG J 60 -23.77 14.60 17.73
C ARG J 60 -24.36 15.57 18.72
N LYS J 61 -24.21 15.29 20.01
CA LYS J 61 -24.75 16.19 21.04
C LYS J 61 -24.04 17.54 21.00
N LEU J 62 -22.71 17.54 20.83
CA LEU J 62 -21.96 18.80 20.80
C LEU J 62 -22.29 19.64 19.58
N LEU J 63 -22.48 19.01 18.43
CA LEU J 63 -22.88 19.77 17.24
C LEU J 63 -24.21 20.48 17.49
N ALA J 64 -25.17 19.79 18.12
CA ALA J 64 -26.45 20.39 18.41
C ALA J 64 -26.39 21.47 19.48
N ASN J 65 -25.56 21.21 20.52
CA ASN J 65 -25.43 22.18 21.61
C ASN J 65 -24.85 23.53 21.15
N ALA J 66 -24.05 23.50 20.09
CA ALA J 66 -23.46 24.71 19.55
C ALA J 66 -24.42 25.55 18.75
N VAL J 67 -25.59 25.02 18.41
CA VAL J 67 -26.60 25.79 17.71
C VAL J 67 -27.30 26.75 18.69
N ASP J 68 -27.43 28.02 18.33
CA ASP J 68 -28.15 28.99 19.17
C ASP J 68 -29.63 28.60 19.40
#